data_1Z8J
#
_entry.id   1Z8J
#
_cell.length_a   49.710
_cell.length_b   73.550
_cell.length_c   90.100
_cell.angle_alpha   90.00
_cell.angle_beta   90.00
_cell.angle_gamma   90.00
#
_symmetry.space_group_name_H-M   'P 21 21 21'
#
loop_
_entity.id
_entity.type
_entity.pdbx_description
1 polymer 'Thrombin light chain'
2 polymer 'Thrombin heavy chain'
3 non-polymer 'ZINC ION'
4 non-polymer D-phenylalanyl-N-[(2S,3S)-6-{[amino(iminio)methyl]amino}-1-chloro-2-hydroxyhexan-3-yl]-L-prolinamide
5 non-polymer 2-acetamido-2-deoxy-beta-D-glucopyranose
6 non-polymer 'SODIUM ION'
7 water water
#
loop_
_entity_poly.entity_id
_entity_poly.type
_entity_poly.pdbx_seq_one_letter_code
_entity_poly.pdbx_strand_id
1 'polypeptide(L)' TFFNPRTFGSGEADCGLRPLFEKKSLEDKTERELLESYID A
2 'polypeptide(L)'
;IVEGSDAEIGMSPWQVMLFRKSPQELLCGASLISDRWVLTAAHCLLYPPWDKNFTENDLLVRIGKHSRTRYERNIEKISM
LEKIYIHPRYNWRENLDRDIALMKLKKPVAFSDYIHPVCLPDRETAASLLQAGYKGRVTGWGNLKETWTANVGKGQPSVL
QVVNLPIVERPVCKDSTRIRITDNMFCAGYKPDEGKRGDACEPDSGGPFVMKSPFNNRWYQMGIVSWGEGCDRDGKYGFY
THVFRLKKWIQKVIDQFGE
;
B
#
loop_
_chem_comp.id
_chem_comp.type
_chem_comp.name
_chem_comp.formula
0G6 peptide-like D-phenylalanyl-N-[(2S,3S)-6-{[amino(iminio)methyl]amino}-1-chloro-2-hydroxyhexan-3-yl]-L-prolinamide 'C21 H34 Cl N6 O3 1'
NA non-polymer 'SODIUM ION' 'Na 1'
NAG D-saccharide, beta linking 2-acetamido-2-deoxy-beta-D-glucopyranose 'C8 H15 N O6'
ZN non-polymer 'ZINC ION' 'Zn 2'
#
# COMPACT_ATOMS: atom_id res chain seq x y z
N THR A 1 -6.99 -18.29 11.18
CA THR A 1 -7.39 -17.23 10.25
C THR A 1 -8.22 -16.14 10.97
N PHE A 2 -8.30 -15.00 10.28
CA PHE A 2 -9.04 -13.80 10.69
C PHE A 2 -10.27 -13.55 9.83
N PHE A 3 -10.21 -14.01 8.61
CA PHE A 3 -11.32 -13.83 7.74
C PHE A 3 -11.98 -15.12 7.33
N ASN A 4 -13.30 -15.12 7.32
CA ASN A 4 -13.91 -16.30 6.75
C ASN A 4 -13.47 -16.34 5.26
N PRO A 5 -12.86 -17.47 4.82
CA PRO A 5 -12.59 -17.91 3.45
C PRO A 5 -13.79 -17.70 2.52
N ARG A 6 -15.01 -17.84 2.95
CA ARG A 6 -16.11 -17.58 2.06
C ARG A 6 -16.38 -16.13 1.71
N THR A 7 -16.02 -15.14 2.54
CA THR A 7 -16.31 -13.78 2.07
C THR A 7 -15.08 -13.19 1.45
N PHE A 8 -14.02 -13.51 2.13
CA PHE A 8 -12.72 -13.06 1.78
C PHE A 8 -12.19 -13.69 0.51
N GLY A 9 -12.61 -14.91 0.19
CA GLY A 9 -12.05 -15.47 -1.03
C GLY A 9 -10.70 -16.15 -0.78
N SER A 10 -9.96 -16.53 -1.82
CA SER A 10 -8.68 -17.26 -1.60
C SER A 10 -7.51 -16.36 -1.11
N GLY A 11 -6.64 -16.74 -0.17
CA GLY A 11 -5.56 -15.76 0.02
C GLY A 11 -4.95 -15.56 1.39
N GLU A 12 -5.73 -15.63 2.44
CA GLU A 12 -5.15 -15.41 3.74
C GLU A 12 -4.09 -16.47 4.10
N ALA A 13 -4.23 -17.70 3.58
CA ALA A 13 -3.22 -18.72 3.85
C ALA A 13 -2.10 -18.60 2.80
N ASP A 14 -2.42 -18.29 1.56
CA ASP A 14 -1.43 -18.12 0.49
C ASP A 14 -1.09 -16.62 0.28
N CYS A 15 -0.44 -15.93 1.25
CA CYS A 15 -0.18 -14.47 1.09
C CYS A 15 1.24 -14.10 1.42
N GLY A 16 1.78 -13.09 0.73
CA GLY A 16 3.08 -12.59 1.04
C GLY A 16 4.25 -13.43 0.58
N LEU A 17 4.05 -14.51 -0.15
CA LEU A 17 5.17 -15.30 -0.65
C LEU A 17 5.11 -15.20 -2.16
N ARG A 18 6.11 -14.55 -2.74
CA ARG A 18 6.15 -14.32 -4.17
C ARG A 18 6.65 -15.51 -4.99
N PRO A 19 5.86 -15.93 -5.99
CA PRO A 19 6.22 -17.06 -6.85
C PRO A 19 7.63 -16.94 -7.46
N LEU A 20 8.01 -15.72 -7.84
CA LEU A 20 9.29 -15.50 -8.47
C LEU A 20 10.46 -15.21 -7.54
N PHE A 21 10.20 -15.16 -6.24
CA PHE A 21 11.24 -14.88 -5.27
C PHE A 21 11.22 -15.88 -4.13
N GLU A 22 10.44 -15.63 -3.07
CA GLU A 22 10.42 -16.57 -1.95
C GLU A 22 10.16 -18.00 -2.37
N LYS A 23 9.24 -18.21 -3.31
CA LYS A 23 8.92 -19.56 -3.74
C LYS A 23 10.02 -20.25 -4.56
N LYS A 24 10.94 -19.48 -5.11
CA LYS A 24 12.04 -20.02 -5.90
C LYS A 24 13.34 -19.88 -5.12
N SER A 25 13.23 -19.44 -3.88
CA SER A 25 14.37 -19.19 -3.00
C SER A 25 15.31 -18.14 -3.59
N LEU A 26 14.75 -17.11 -4.21
CA LEU A 26 15.53 -16.02 -4.78
C LEU A 26 15.25 -14.72 -4.00
N GLU A 27 16.31 -13.99 -3.70
CA GLU A 27 16.24 -12.73 -2.96
C GLU A 27 16.11 -11.59 -3.98
N ASP A 28 15.24 -10.61 -3.74
CA ASP A 28 15.17 -9.51 -4.72
C ASP A 28 16.37 -8.59 -4.43
N LYS A 29 16.64 -7.67 -5.35
CA LYS A 29 17.85 -6.86 -5.20
C LYS A 29 17.94 -5.92 -4.00
N THR A 30 16.86 -5.68 -3.26
CA THR A 30 17.01 -4.72 -2.14
C THR A 30 16.37 -5.16 -0.83
N GLU A 31 15.73 -6.33 -0.80
CA GLU A 31 15.11 -6.76 0.45
C GLU A 31 16.08 -6.90 1.61
N ARG A 32 17.36 -7.09 1.33
CA ARG A 32 18.34 -7.22 2.41
C ARG A 32 18.40 -5.93 3.23
N GLU A 33 18.08 -4.81 2.60
CA GLU A 33 18.10 -3.54 3.32
C GLU A 33 17.08 -3.59 4.46
N LEU A 34 15.93 -4.21 4.19
CA LEU A 34 14.89 -4.31 5.20
C LEU A 34 15.36 -5.21 6.32
N LEU A 35 15.96 -6.33 5.95
CA LEU A 35 16.47 -7.28 6.93
C LEU A 35 17.51 -6.58 7.78
N GLU A 36 18.42 -5.86 7.13
CA GLU A 36 19.45 -5.16 7.86
C GLU A 36 18.88 -4.17 8.88
N SER A 37 17.72 -3.58 8.58
CA SER A 37 17.10 -2.60 9.47
C SER A 37 16.55 -3.22 10.75
N TYR A 38 16.29 -4.53 10.73
CA TYR A 38 15.78 -5.21 11.92
C TYR A 38 16.92 -5.44 12.89
N ILE A 39 18.05 -5.88 12.34
CA ILE A 39 19.28 -6.22 13.09
C ILE A 39 19.87 -4.95 13.69
N ASP A 40 19.36 -4.64 14.91
CA ASP A 40 19.80 -3.49 15.70
C ASP A 40 20.07 -2.29 14.80
N ILE B 1 6.78 7.77 -6.95
CA ILE B 1 7.94 7.45 -6.07
C ILE B 1 9.14 8.31 -6.47
N VAL B 2 9.66 9.09 -5.51
CA VAL B 2 10.82 9.96 -5.78
C VAL B 2 12.10 9.35 -5.23
N GLU B 3 13.16 9.39 -6.04
CA GLU B 3 14.45 8.84 -5.65
C GLU B 3 14.35 7.34 -5.36
N GLY B 4 13.57 6.65 -6.18
CA GLY B 4 13.40 5.22 -6.01
C GLY B 4 14.15 4.48 -7.09
N SER B 5 13.96 3.16 -7.17
CA SER B 5 14.63 2.36 -8.18
C SER B 5 13.61 1.51 -8.93
N ASP B 6 13.98 1.02 -10.10
CA ASP B 6 13.08 0.19 -10.88
C ASP B 6 12.75 -1.10 -10.11
N ALA B 7 11.53 -1.59 -10.26
CA ALA B 7 11.12 -2.81 -9.59
C ALA B 7 11.40 -4.01 -10.50
N GLU B 8 11.80 -5.14 -9.94
CA GLU B 8 12.07 -6.34 -10.72
C GLU B 8 10.75 -7.00 -11.09
N ILE B 9 10.75 -7.78 -12.15
CA ILE B 9 9.54 -8.49 -12.57
C ILE B 9 9.02 -9.39 -11.44
N GLY B 10 7.75 -9.29 -11.10
CA GLY B 10 7.16 -10.14 -10.08
C GLY B 10 7.58 -9.82 -8.65
N MET B 11 8.20 -8.65 -8.47
CA MET B 11 8.70 -8.21 -7.16
C MET B 11 7.59 -7.76 -6.22
N SER B 12 6.47 -7.31 -6.78
CA SER B 12 5.34 -6.81 -5.99
C SER B 12 4.05 -7.30 -6.67
N PRO B 13 3.83 -8.62 -6.69
CA PRO B 13 2.64 -9.19 -7.34
C PRO B 13 1.26 -8.82 -6.80
N TRP B 14 1.24 -8.12 -5.67
CA TRP B 14 -0.01 -7.65 -5.07
C TRP B 14 -0.27 -6.21 -5.48
N GLN B 15 0.60 -5.68 -6.33
CA GLN B 15 0.46 -4.29 -6.77
C GLN B 15 -0.79 -4.15 -7.62
N VAL B 16 -1.58 -3.12 -7.34
CA VAL B 16 -2.76 -2.88 -8.13
C VAL B 16 -2.77 -1.43 -8.61
N MET B 17 -3.27 -1.21 -9.82
CA MET B 17 -3.36 0.14 -10.34
C MET B 17 -4.84 0.49 -10.48
N LEU B 18 -5.23 1.63 -9.93
CA LEU B 18 -6.61 2.06 -10.00
C LEU B 18 -6.77 3.05 -11.15
N PHE B 19 -7.68 2.75 -12.07
CA PHE B 19 -7.91 3.59 -13.24
C PHE B 19 -9.30 4.21 -13.33
N ARG B 20 -9.36 5.42 -13.87
CA ARG B 20 -10.63 6.07 -14.09
C ARG B 20 -11.11 5.37 -15.36
N LYS B 21 -12.39 5.01 -15.44
CA LYS B 21 -12.90 4.33 -16.63
C LYS B 21 -13.03 5.28 -17.81
N SER B 22 -13.80 6.34 -17.65
CA SER B 22 -13.99 7.31 -18.73
C SER B 22 -13.80 8.76 -18.28
N PRO B 23 -12.71 9.41 -18.76
CA PRO B 23 -11.71 8.83 -19.67
C PRO B 23 -10.67 8.01 -18.90
N GLN B 24 -10.08 7.01 -19.55
CA GLN B 24 -9.07 6.17 -18.90
C GLN B 24 -7.95 7.03 -18.31
N GLU B 25 -7.74 6.93 -17.00
CA GLU B 25 -6.74 7.72 -16.33
C GLU B 25 -6.24 7.02 -15.06
N LEU B 26 -4.92 6.91 -14.91
CA LEU B 26 -4.33 6.28 -13.74
C LEU B 26 -4.60 7.19 -12.57
N LEU B 27 -5.33 6.70 -11.57
CA LEU B 27 -5.70 7.52 -10.43
C LEU B 27 -4.93 7.31 -9.14
N CYS B 28 -4.62 6.06 -8.84
CA CYS B 28 -3.97 5.72 -7.60
C CYS B 28 -3.42 4.32 -7.63
N GLY B 29 -2.70 4.00 -6.56
CA GLY B 29 -2.17 2.67 -6.37
C GLY B 29 -3.17 1.95 -5.50
N ALA B 30 -2.94 0.66 -5.28
CA ALA B 30 -3.82 -0.17 -4.46
C ALA B 30 -3.08 -1.48 -4.25
N SER B 31 -3.65 -2.37 -3.44
CA SER B 31 -3.01 -3.65 -3.17
C SER B 31 -4.03 -4.78 -3.14
N LEU B 32 -3.59 -5.96 -3.59
CA LEU B 32 -4.44 -7.14 -3.62
C LEU B 32 -4.26 -7.88 -2.29
N ILE B 33 -5.34 -8.08 -1.53
CA ILE B 33 -5.21 -8.78 -0.26
C ILE B 33 -5.85 -10.19 -0.29
N SER B 34 -6.55 -10.50 -1.38
CA SER B 34 -7.16 -11.81 -1.59
C SER B 34 -7.50 -11.91 -3.07
N ASP B 35 -8.14 -12.99 -3.49
CA ASP B 35 -8.48 -13.13 -4.90
C ASP B 35 -9.63 -12.20 -5.33
N ARG B 36 -10.28 -11.55 -4.37
CA ARG B 36 -11.39 -10.66 -4.69
C ARG B 36 -11.46 -9.31 -3.95
N TRP B 37 -10.55 -9.07 -3.01
CA TRP B 37 -10.55 -7.82 -2.26
C TRP B 37 -9.28 -7.00 -2.48
N VAL B 38 -9.46 -5.70 -2.68
CA VAL B 38 -8.37 -4.74 -2.92
C VAL B 38 -8.45 -3.62 -1.90
N LEU B 39 -7.31 -3.25 -1.34
CA LEU B 39 -7.22 -2.20 -0.34
C LEU B 39 -6.64 -0.96 -1.01
N THR B 40 -7.12 0.21 -0.63
CA THR B 40 -6.60 1.44 -1.20
C THR B 40 -6.91 2.57 -0.23
N ALA B 41 -6.53 3.78 -0.58
CA ALA B 41 -6.79 4.93 0.28
C ALA B 41 -8.18 5.48 -0.03
N ALA B 42 -8.89 5.95 0.99
CA ALA B 42 -10.22 6.48 0.76
C ALA B 42 -10.18 7.71 -0.14
N HIS B 43 -9.17 8.56 0.02
CA HIS B 43 -9.14 9.77 -0.79
C HIS B 43 -8.94 9.50 -2.27
N CYS B 44 -8.68 8.26 -2.61
CA CYS B 44 -8.52 7.88 -4.00
C CYS B 44 -9.91 7.74 -4.61
N LEU B 45 -10.89 7.44 -3.76
CA LEU B 45 -12.26 7.23 -4.20
C LEU B 45 -13.22 8.32 -3.77
N LEU B 46 -12.91 8.95 -2.65
CA LEU B 46 -13.75 10.03 -2.14
C LEU B 46 -12.95 11.22 -1.62
N TYR B 47 -12.99 12.32 -2.37
CA TYR B 47 -12.34 13.56 -2.00
C TYR B 47 -13.04 14.62 -2.83
N PRO B 48 -14.23 15.07 -2.38
CA PRO B 48 -15.04 16.09 -3.08
C PRO B 48 -14.31 17.31 -3.61
N PRO B 49 -13.36 17.87 -2.83
CA PRO B 49 -12.66 19.04 -3.35
C PRO B 49 -12.00 18.77 -4.69
N TRP B 50 -11.46 17.56 -4.86
CA TRP B 50 -10.83 17.20 -6.12
C TRP B 50 -11.85 16.57 -7.04
N ASP B 51 -13.12 16.78 -6.71
CA ASP B 51 -14.22 16.26 -7.51
C ASP B 51 -14.12 14.74 -7.70
N LYS B 52 -13.80 14.05 -6.62
CA LYS B 52 -13.70 12.59 -6.64
C LYS B 52 -14.79 12.01 -5.74
N ASN B 53 -15.70 11.27 -6.35
CA ASN B 53 -16.80 10.64 -5.63
C ASN B 53 -17.25 9.56 -6.59
N PHE B 54 -16.34 8.60 -6.79
CA PHE B 54 -16.55 7.50 -7.71
C PHE B 54 -17.55 6.43 -7.31
N THR B 55 -18.23 5.92 -8.34
CA THR B 55 -19.19 4.85 -8.19
C THR B 55 -18.40 3.64 -8.67
N GLU B 56 -18.80 2.44 -8.25
CA GLU B 56 -18.09 1.25 -8.67
C GLU B 56 -17.98 1.15 -10.20
N ASN B 57 -18.99 1.66 -10.89
CA ASN B 57 -18.99 1.58 -12.35
C ASN B 57 -18.09 2.59 -13.07
N ASP B 58 -17.48 3.50 -12.31
CA ASP B 58 -16.59 4.51 -12.90
C ASP B 58 -15.15 4.06 -12.92
N LEU B 59 -14.85 2.94 -12.27
CA LEU B 59 -13.47 2.48 -12.17
C LEU B 59 -13.16 1.08 -12.67
N LEU B 60 -11.87 0.85 -12.88
CA LEU B 60 -11.30 -0.44 -13.32
C LEU B 60 -9.96 -0.55 -12.61
N VAL B 61 -9.51 -1.78 -12.38
CA VAL B 61 -8.21 -1.96 -11.76
C VAL B 61 -7.39 -2.86 -12.66
N ARG B 62 -6.07 -2.73 -12.60
CA ARG B 62 -5.21 -3.56 -13.38
C ARG B 62 -4.24 -4.23 -12.44
N ILE B 63 -4.06 -5.53 -12.66
CA ILE B 63 -3.23 -6.36 -11.80
C ILE B 63 -2.31 -7.24 -12.64
N GLY B 64 -1.19 -7.66 -12.08
CA GLY B 64 -0.33 -8.58 -12.79
C GLY B 64 0.78 -7.94 -13.60
N LYS B 65 1.15 -8.59 -14.71
CA LYS B 65 2.27 -8.07 -15.46
C LYS B 65 1.94 -6.92 -16.43
N HIS B 66 2.65 -5.81 -16.14
CA HIS B 66 2.73 -4.53 -16.83
C HIS B 66 2.61 -4.66 -18.34
N ARG B 73 1.66 -5.95 -20.97
CA ARG B 73 0.53 -5.73 -21.87
C ARG B 73 0.07 -7.02 -22.52
N ASN B 74 -0.28 -8.02 -21.72
CA ASN B 74 -0.74 -9.27 -22.33
C ASN B 74 -1.43 -10.22 -21.35
N ILE B 75 -0.78 -10.44 -20.20
CA ILE B 75 -1.25 -11.29 -19.11
C ILE B 75 -1.58 -10.42 -17.89
N GLU B 76 -1.65 -9.14 -18.18
CA GLU B 76 -2.06 -8.16 -17.22
C GLU B 76 -3.46 -8.51 -16.91
N LYS B 77 -4.03 -8.03 -15.83
CA LYS B 77 -5.39 -8.39 -15.52
C LYS B 77 -6.22 -7.14 -15.32
N ILE B 78 -7.31 -7.01 -16.08
CA ILE B 78 -8.19 -5.87 -15.95
C ILE B 78 -9.46 -6.36 -15.28
N SER B 79 -9.80 -5.80 -14.14
CA SER B 79 -10.99 -6.23 -13.41
C SER B 79 -11.91 -5.06 -13.07
N MET B 80 -13.21 -5.33 -13.17
CA MET B 80 -14.21 -4.33 -12.85
C MET B 80 -14.51 -4.48 -11.37
N LEU B 81 -15.14 -3.47 -10.79
CA LEU B 81 -15.46 -3.49 -9.37
C LEU B 81 -16.92 -3.82 -9.11
N GLU B 82 -17.16 -4.67 -8.11
CA GLU B 82 -18.51 -5.05 -7.73
C GLU B 82 -19.02 -4.02 -6.74
N LYS B 83 -18.19 -3.67 -5.76
CA LYS B 83 -18.58 -2.69 -4.76
C LYS B 83 -17.40 -1.98 -4.10
N ILE B 84 -17.65 -0.76 -3.66
CA ILE B 84 -16.63 0.05 -2.98
C ILE B 84 -17.09 0.32 -1.56
N TYR B 85 -16.15 0.29 -0.61
CA TYR B 85 -16.43 0.54 0.80
C TYR B 85 -15.45 1.57 1.35
N ILE B 86 -15.96 2.72 1.79
CA ILE B 86 -15.09 3.77 2.35
C ILE B 86 -15.31 3.79 3.86
N HIS B 87 -14.23 3.95 4.63
CA HIS B 87 -14.39 3.98 6.08
C HIS B 87 -15.41 5.07 6.44
N PRO B 88 -16.41 4.73 7.27
CA PRO B 88 -17.44 5.71 7.66
C PRO B 88 -16.92 6.91 8.45
N ARG B 89 -15.78 6.75 9.11
CA ARG B 89 -15.19 7.85 9.88
C ARG B 89 -14.00 8.50 9.18
N TYR B 90 -13.87 8.29 7.87
CA TYR B 90 -12.79 8.90 7.09
C TYR B 90 -13.01 10.42 7.17
N ASN B 91 -11.98 11.14 7.60
CA ASN B 91 -12.06 12.59 7.79
C ASN B 91 -11.36 13.37 6.68
N TRP B 92 -12.03 13.57 5.54
CA TRP B 92 -11.42 14.27 4.43
C TRP B 92 -11.40 15.78 4.60
N ARG B 93 -12.30 16.31 5.42
CA ARG B 93 -12.37 17.74 5.64
C ARG B 93 -11.21 18.28 6.48
N GLU B 94 -10.64 17.41 7.31
CA GLU B 94 -9.55 17.82 8.19
C GLU B 94 -8.16 17.32 7.87
N ASN B 95 -7.84 16.12 8.35
CA ASN B 95 -6.52 15.55 8.22
C ASN B 95 -6.42 14.17 7.57
N LEU B 96 -7.45 13.73 6.87
CA LEU B 96 -7.47 12.43 6.22
C LEU B 96 -7.39 11.27 7.20
N ASP B 97 -7.93 11.47 8.41
CA ASP B 97 -7.93 10.40 9.41
C ASP B 97 -8.68 9.20 8.83
N ARG B 98 -8.12 8.00 9.00
CA ARG B 98 -8.71 6.77 8.49
C ARG B 98 -8.86 6.80 6.97
N ASP B 99 -7.75 7.05 6.29
CA ASP B 99 -7.71 7.13 4.84
C ASP B 99 -7.61 5.70 4.29
N ILE B 100 -8.71 4.98 4.36
CA ILE B 100 -8.71 3.59 3.93
C ILE B 100 -10.03 3.23 3.23
N ALA B 101 -9.92 2.40 2.19
CA ALA B 101 -11.10 1.96 1.45
C ALA B 101 -10.88 0.54 0.97
N LEU B 102 -11.98 -0.17 0.73
CA LEU B 102 -11.94 -1.55 0.23
C LEU B 102 -12.76 -1.60 -1.05
N MET B 103 -12.29 -2.42 -1.99
CA MET B 103 -12.99 -2.58 -3.25
C MET B 103 -13.11 -4.08 -3.49
N LYS B 104 -14.31 -4.55 -3.80
CA LYS B 104 -14.49 -5.97 -4.08
C LYS B 104 -14.54 -6.12 -5.59
N LEU B 105 -13.76 -7.06 -6.12
CA LEU B 105 -13.70 -7.31 -7.55
C LEU B 105 -14.98 -8.01 -7.99
N LYS B 106 -15.40 -7.78 -9.23
CA LYS B 106 -16.63 -8.39 -9.74
C LYS B 106 -16.47 -9.91 -9.83
N LYS B 107 -15.27 -10.35 -10.17
CA LYS B 107 -15.01 -11.78 -10.22
C LYS B 107 -13.61 -12.00 -9.65
N PRO B 108 -13.45 -13.01 -8.79
CA PRO B 108 -12.12 -13.24 -8.23
C PRO B 108 -11.07 -13.45 -9.32
N VAL B 109 -9.83 -13.06 -9.05
CA VAL B 109 -8.77 -13.24 -10.03
C VAL B 109 -7.94 -14.47 -9.68
N ALA B 110 -7.33 -15.09 -10.69
CA ALA B 110 -6.51 -16.29 -10.48
C ALA B 110 -5.09 -15.86 -10.11
N PHE B 111 -4.53 -16.43 -9.05
CA PHE B 111 -3.15 -16.06 -8.69
C PHE B 111 -2.22 -16.65 -9.74
N SER B 112 -1.10 -15.98 -9.98
CA SER B 112 -0.13 -16.42 -10.98
C SER B 112 1.25 -16.02 -10.48
N ASP B 113 2.26 -16.18 -11.33
CA ASP B 113 3.61 -15.79 -10.94
C ASP B 113 3.66 -14.29 -10.72
N TYR B 114 2.74 -13.58 -11.38
CA TYR B 114 2.70 -12.11 -11.33
C TYR B 114 1.57 -11.51 -10.52
N ILE B 115 0.70 -12.37 -9.99
CA ILE B 115 -0.44 -11.95 -9.20
C ILE B 115 -0.60 -12.83 -7.95
N HIS B 116 -0.43 -12.20 -6.80
CA HIS B 116 -0.58 -12.88 -5.51
C HIS B 116 -0.85 -11.82 -4.48
N PRO B 117 -1.63 -12.17 -3.44
CA PRO B 117 -1.97 -11.22 -2.39
C PRO B 117 -0.89 -10.98 -1.34
N VAL B 118 -0.93 -9.80 -0.75
CA VAL B 118 0.02 -9.46 0.31
C VAL B 118 -0.71 -9.82 1.61
N CYS B 119 0.03 -10.10 2.67
CA CYS B 119 -0.58 -10.45 3.95
C CYS B 119 -0.92 -9.22 4.75
N LEU B 120 -1.95 -9.33 5.59
CA LEU B 120 -2.35 -8.26 6.49
C LEU B 120 -1.77 -8.72 7.82
N PRO B 121 -1.15 -7.80 8.58
CA PRO B 121 -0.54 -8.15 9.87
C PRO B 121 -1.50 -8.46 11.01
N ASP B 122 -1.05 -9.34 11.90
CA ASP B 122 -1.83 -9.70 13.07
C ASP B 122 -1.14 -9.02 14.25
N ARG B 123 -1.75 -9.12 15.43
CA ARG B 123 -1.22 -8.50 16.64
C ARG B 123 0.28 -8.67 16.83
N GLU B 124 0.74 -9.91 16.93
CA GLU B 124 2.16 -10.23 17.15
C GLU B 124 3.09 -9.67 16.07
N THR B 125 2.63 -9.65 14.82
CA THR B 125 3.47 -9.14 13.73
C THR B 125 3.65 -7.63 13.74
N ALA B 126 2.56 -6.90 13.99
CA ALA B 126 2.61 -5.43 13.99
C ALA B 126 3.32 -4.87 15.21
N ALA B 127 3.56 -5.70 16.21
CA ALA B 127 4.23 -5.25 17.43
C ALA B 127 5.69 -5.66 17.42
N SER B 128 6.05 -6.47 16.43
CA SER B 128 7.41 -6.94 16.31
C SER B 128 8.13 -6.19 15.19
N LEU B 129 7.36 -5.80 14.17
CA LEU B 129 7.93 -5.11 13.02
C LEU B 129 7.57 -3.63 12.89
N LEU B 130 6.50 -3.20 13.53
CA LEU B 130 6.11 -1.79 13.45
C LEU B 130 6.83 -0.97 14.52
N GLN B 131 8.14 -0.84 14.38
CA GLN B 131 8.95 -0.09 15.32
C GLN B 131 9.86 0.89 14.61
N ALA B 132 10.01 2.09 15.20
CA ALA B 132 10.85 3.12 14.60
C ALA B 132 12.23 2.58 14.29
N GLY B 133 12.74 2.95 13.11
CA GLY B 133 14.05 2.49 12.70
C GLY B 133 13.94 1.36 11.68
N TYR B 134 12.91 0.53 11.82
CA TYR B 134 12.70 -0.59 10.89
C TYR B 134 12.27 -0.06 9.52
N LYS B 135 12.75 -0.67 8.45
CA LYS B 135 12.38 -0.21 7.13
C LYS B 135 11.27 -1.03 6.48
N GLY B 136 10.47 -0.32 5.68
CA GLY B 136 9.38 -0.94 4.95
C GLY B 136 9.62 -0.55 3.50
N ARG B 137 8.76 -1.03 2.61
CA ARG B 137 8.91 -0.75 1.18
C ARG B 137 7.64 -0.17 0.61
N VAL B 138 7.78 0.90 -0.17
CA VAL B 138 6.64 1.52 -0.82
C VAL B 138 6.87 1.44 -2.33
N THR B 139 5.79 1.20 -3.05
CA THR B 139 5.85 1.04 -4.51
C THR B 139 4.78 1.87 -5.21
N GLY B 140 5.08 2.29 -6.45
CA GLY B 140 4.10 3.07 -7.16
C GLY B 140 4.50 3.58 -8.52
N TRP B 141 3.52 4.16 -9.21
CA TRP B 141 3.69 4.72 -10.55
C TRP B 141 3.47 6.23 -10.48
N GLY B 142 3.70 6.81 -9.31
CA GLY B 142 3.50 8.25 -9.14
C GLY B 142 4.65 9.10 -9.66
N ASN B 143 4.58 10.40 -9.40
CA ASN B 143 5.59 11.36 -9.84
C ASN B 143 6.98 10.96 -9.36
N LEU B 144 7.97 11.18 -10.23
CA LEU B 144 9.37 10.87 -9.92
C LEU B 144 9.99 12.10 -9.27
N LYS B 145 9.33 13.25 -9.45
CA LYS B 145 9.78 14.51 -8.89
C LYS B 145 8.57 15.41 -8.65
N GLU B 146 8.72 16.37 -7.74
CA GLU B 146 7.64 17.32 -7.50
C GLU B 146 7.40 18.09 -8.79
N THR B 147 6.14 18.28 -9.15
CA THR B 147 5.79 19.00 -10.36
C THR B 147 5.05 20.30 -10.07
N GLN B 156 6.98 10.80 -14.41
CA GLN B 156 6.28 9.54 -14.35
C GLN B 156 7.16 8.47 -14.88
N PRO B 157 7.05 7.33 -14.27
CA PRO B 157 7.89 6.23 -14.70
C PRO B 157 7.25 5.33 -15.79
N SER B 158 8.07 4.58 -16.55
CA SER B 158 7.68 3.61 -17.60
C SER B 158 7.56 2.21 -16.94
N VAL B 159 8.18 2.09 -15.76
CA VAL B 159 8.14 0.87 -14.94
C VAL B 159 7.85 1.19 -13.45
N LEU B 160 7.29 0.20 -12.76
CA LEU B 160 6.94 0.33 -11.35
C LEU B 160 8.18 0.73 -10.56
N GLN B 161 8.03 1.72 -9.67
CA GLN B 161 9.15 2.18 -8.86
C GLN B 161 9.05 1.65 -7.44
N VAL B 162 10.19 1.58 -6.77
CA VAL B 162 10.27 1.10 -5.41
C VAL B 162 11.32 1.83 -4.57
N VAL B 163 11.06 1.96 -3.28
CA VAL B 163 12.01 2.57 -2.36
C VAL B 163 11.75 2.05 -0.95
N ASN B 164 12.81 1.72 -0.21
CA ASN B 164 12.65 1.24 1.15
C ASN B 164 12.90 2.45 2.03
N LEU B 165 12.08 2.58 3.07
CA LEU B 165 12.17 3.73 3.96
C LEU B 165 11.94 3.33 5.40
N PRO B 166 12.67 3.98 6.33
CA PRO B 166 12.54 3.68 7.76
C PRO B 166 11.32 4.35 8.37
N ILE B 167 10.69 3.66 9.30
CA ILE B 167 9.54 4.20 10.02
C ILE B 167 10.14 5.20 11.01
N VAL B 168 9.48 6.34 11.15
CA VAL B 168 9.94 7.41 12.03
C VAL B 168 9.14 7.50 13.33
N GLU B 169 9.86 7.75 14.44
CA GLU B 169 9.22 7.85 15.75
C GLU B 169 8.12 8.91 15.70
N ARG B 170 7.01 8.64 16.37
CA ARG B 170 5.87 9.56 16.37
C ARG B 170 6.22 11.01 16.70
N PRO B 171 6.96 11.26 17.80
CA PRO B 171 7.33 12.62 18.18
C PRO B 171 8.00 13.41 17.05
N VAL B 172 8.82 12.74 16.26
CA VAL B 172 9.48 13.39 15.13
C VAL B 172 8.45 13.65 14.03
N CYS B 173 7.57 12.69 13.79
CA CYS B 173 6.55 12.87 12.76
C CYS B 173 5.70 14.11 13.11
N LYS B 174 5.18 14.14 14.33
CA LYS B 174 4.33 15.27 14.73
C LYS B 174 5.03 16.62 14.63
N ASP B 175 6.31 16.66 14.97
CA ASP B 175 7.09 17.90 14.92
C ASP B 175 7.40 18.35 13.50
N SER B 176 7.22 17.46 12.52
CA SER B 176 7.52 17.80 11.12
C SER B 176 6.40 18.49 10.36
N THR B 177 5.24 18.59 10.98
CA THR B 177 4.12 19.19 10.28
C THR B 177 3.14 19.83 11.24
N ARG B 178 2.29 20.71 10.72
CA ARG B 178 1.29 21.38 11.55
C ARG B 178 -0.04 20.61 11.45
N ILE B 179 -0.11 19.65 10.53
CA ILE B 179 -1.31 18.85 10.35
C ILE B 179 -1.46 17.89 11.53
N ARG B 180 -2.68 17.75 12.03
CA ARG B 180 -2.93 16.89 13.18
C ARG B 180 -2.78 15.42 12.81
N ILE B 181 -1.86 14.74 13.50
CA ILE B 181 -1.57 13.31 13.29
C ILE B 181 -2.40 12.51 14.29
N THR B 182 -2.89 11.34 13.87
CA THR B 182 -3.70 10.49 14.74
C THR B 182 -3.05 9.13 14.88
N ASP B 183 -3.54 8.31 15.82
CA ASP B 183 -2.98 6.98 15.99
C ASP B 183 -3.29 6.08 14.78
N ASN B 184 -3.99 6.63 13.79
CA ASN B 184 -4.34 5.84 12.62
C ASN B 184 -3.38 6.12 11.48
N MET B 185 -2.29 6.80 11.80
CA MET B 185 -1.28 7.16 10.82
C MET B 185 0.12 6.93 11.39
N PHE B 186 1.08 6.75 10.49
CA PHE B 186 2.47 6.66 10.90
C PHE B 186 3.22 7.30 9.75
N CYS B 187 4.46 7.72 10.00
CA CYS B 187 5.21 8.33 8.94
C CYS B 187 6.54 7.60 8.77
N ALA B 188 7.13 7.74 7.59
CA ALA B 188 8.39 7.08 7.29
C ALA B 188 9.20 7.91 6.31
N GLY B 189 10.51 7.70 6.32
CA GLY B 189 11.39 8.44 5.44
C GLY B 189 12.68 8.72 6.17
N TYR B 190 13.72 9.05 5.43
CA TYR B 190 15.01 9.33 6.04
C TYR B 190 15.09 10.73 6.64
N LYS B 191 15.81 10.86 7.74
CA LYS B 191 15.99 12.16 8.38
C LYS B 191 17.02 12.91 7.52
N PRO B 192 16.94 14.25 7.51
CA PRO B 192 17.84 15.11 6.74
C PRO B 192 19.30 14.71 6.70
N ASP B 193 19.81 14.15 7.79
CA ASP B 193 21.21 13.77 7.84
C ASP B 193 21.52 12.28 7.81
N GLU B 194 20.52 11.43 7.59
CA GLU B 194 20.76 10.00 7.54
C GLU B 194 21.45 9.62 6.23
N GLY B 195 21.55 10.58 5.32
CA GLY B 195 22.21 10.34 4.04
C GLY B 195 21.30 9.99 2.88
N LYS B 196 20.55 8.90 3.03
CA LYS B 196 19.66 8.43 1.97
C LYS B 196 18.38 9.26 1.85
N ARG B 197 17.70 9.11 0.73
CA ARG B 197 16.46 9.84 0.46
C ARG B 197 15.37 8.89 -0.02
N GLY B 198 14.25 9.46 -0.46
CA GLY B 198 13.16 8.64 -0.95
C GLY B 198 11.82 8.97 -0.32
N ASP B 199 10.76 8.92 -1.13
CA ASP B 199 9.43 9.21 -0.62
C ASP B 199 8.41 8.85 -1.68
N ALA B 200 7.17 8.70 -1.26
CA ALA B 200 6.10 8.42 -2.19
C ALA B 200 5.70 9.82 -2.64
N CYS B 201 4.89 9.92 -3.67
CA CYS B 201 4.46 11.21 -4.19
C CYS B 201 3.16 10.98 -4.95
N GLU B 202 2.37 12.02 -5.11
CA GLU B 202 1.11 11.89 -5.83
C GLU B 202 1.41 11.40 -7.25
N PRO B 203 0.64 10.44 -7.78
CA PRO B 203 -0.51 9.75 -7.16
C PRO B 203 -0.19 8.35 -6.65
N ASP B 204 0.83 8.23 -5.79
CA ASP B 204 1.18 6.93 -5.22
C ASP B 204 0.16 6.55 -4.16
N SER B 205 -0.74 7.47 -3.80
CA SER B 205 -1.73 7.16 -2.78
C SER B 205 -2.46 5.86 -3.07
N GLY B 206 -2.74 5.14 -1.99
CA GLY B 206 -3.43 3.87 -2.12
C GLY B 206 -2.46 2.72 -2.22
N GLY B 207 -1.22 3.03 -2.60
CA GLY B 207 -0.20 2.00 -2.73
C GLY B 207 0.19 1.46 -1.37
N PRO B 208 0.74 0.24 -1.33
CA PRO B 208 1.15 -0.40 -0.07
C PRO B 208 2.54 -0.06 0.45
N PHE B 209 2.66 -0.06 1.78
CA PHE B 209 3.93 0.14 2.46
C PHE B 209 4.02 -1.24 3.09
N VAL B 210 4.91 -2.07 2.58
CA VAL B 210 5.08 -3.45 3.03
C VAL B 210 6.39 -3.72 3.76
N MET B 211 6.37 -4.76 4.58
CA MET B 211 7.55 -5.16 5.32
C MET B 211 7.67 -6.68 5.21
N LYS B 212 8.89 -7.16 5.08
CA LYS B 212 9.09 -8.59 4.98
C LYS B 212 9.42 -9.14 6.34
N SER B 213 8.61 -10.08 6.81
CA SER B 213 8.89 -10.66 8.10
C SER B 213 10.05 -11.65 7.96
N PRO B 214 11.07 -11.50 8.81
CA PRO B 214 12.22 -12.41 8.73
C PRO B 214 11.83 -13.76 9.32
N PHE B 215 10.72 -13.79 10.05
CA PHE B 215 10.25 -15.01 10.70
C PHE B 215 9.64 -16.06 9.78
N ASN B 216 8.64 -15.68 9.01
CA ASN B 216 8.00 -16.63 8.11
C ASN B 216 8.24 -16.29 6.64
N ASN B 217 9.12 -15.32 6.40
CA ASN B 217 9.51 -14.90 5.06
C ASN B 217 8.36 -14.31 4.25
N ARG B 218 7.28 -13.92 4.91
CA ARG B 218 6.12 -13.36 4.20
C ARG B 218 6.09 -11.84 4.25
N TRP B 219 5.57 -11.23 3.18
CA TRP B 219 5.43 -9.78 3.11
C TRP B 219 4.07 -9.38 3.66
N TYR B 220 4.07 -8.38 4.54
CA TYR B 220 2.86 -7.87 5.18
C TYR B 220 2.64 -6.41 4.86
N GLN B 221 1.39 -6.03 4.61
CA GLN B 221 1.13 -4.61 4.36
C GLN B 221 0.85 -3.89 5.69
N MET B 222 1.76 -3.00 6.08
CA MET B 222 1.61 -2.24 7.32
C MET B 222 0.94 -0.88 7.09
N GLY B 223 1.10 -0.33 5.89
CA GLY B 223 0.48 0.97 5.63
C GLY B 223 -0.02 1.19 4.21
N ILE B 224 -0.65 2.35 4.02
CA ILE B 224 -1.20 2.75 2.71
C ILE B 224 -0.74 4.19 2.47
N VAL B 225 -0.18 4.47 1.30
CA VAL B 225 0.27 5.82 1.00
C VAL B 225 -0.93 6.75 1.19
N SER B 226 -0.82 7.71 2.10
CA SER B 226 -1.93 8.61 2.40
C SER B 226 -1.69 10.09 2.10
N TRP B 227 -0.67 10.68 2.72
CA TRP B 227 -0.43 12.09 2.45
C TRP B 227 1.01 12.52 2.76
N GLY B 228 1.30 13.78 2.42
CA GLY B 228 2.62 14.33 2.65
C GLY B 228 2.60 15.75 2.16
N GLU B 229 3.62 16.53 2.52
CA GLU B 229 3.69 17.91 2.05
C GLU B 229 4.93 17.99 1.16
N GLY B 230 4.69 18.13 -0.14
CA GLY B 230 5.79 18.14 -1.08
C GLY B 230 6.19 16.68 -1.22
N CYS B 231 7.35 16.41 -1.81
CA CYS B 231 7.80 15.03 -1.98
C CYS B 231 9.31 14.96 -1.77
N ASP B 232 9.75 14.11 -0.85
CA ASP B 232 11.17 13.91 -0.55
C ASP B 232 11.89 15.19 -0.10
N ARG B 233 11.20 16.05 0.63
CA ARG B 233 11.81 17.28 1.12
C ARG B 233 12.50 17.00 2.44
N ASP B 234 13.60 17.69 2.70
CA ASP B 234 14.34 17.51 3.94
C ASP B 234 13.50 17.92 5.14
N GLY B 235 13.53 17.10 6.20
CA GLY B 235 12.79 17.39 7.41
C GLY B 235 11.32 17.02 7.39
N LYS B 236 10.83 16.55 6.25
CA LYS B 236 9.44 16.15 6.15
C LYS B 236 9.38 14.65 5.90
N TYR B 237 8.22 14.04 6.15
CA TYR B 237 8.09 12.60 5.98
C TYR B 237 6.76 12.22 5.35
N GLY B 238 6.71 11.03 4.75
CA GLY B 238 5.47 10.59 4.13
C GLY B 238 4.55 9.99 5.18
N PHE B 239 3.24 10.22 5.06
CA PHE B 239 2.31 9.65 6.03
C PHE B 239 1.52 8.51 5.42
N TYR B 240 1.31 7.49 6.25
CA TYR B 240 0.63 6.28 5.83
C TYR B 240 -0.50 5.86 6.76
N THR B 241 -1.55 5.30 6.17
CA THR B 241 -2.66 4.83 6.98
C THR B 241 -2.14 3.60 7.73
N HIS B 242 -2.39 3.56 9.04
CA HIS B 242 -1.94 2.46 9.87
C HIS B 242 -2.90 1.29 9.68
N VAL B 243 -2.56 0.39 8.76
CA VAL B 243 -3.42 -0.73 8.46
C VAL B 243 -3.87 -1.57 9.65
N PHE B 244 -2.93 -1.98 10.50
CA PHE B 244 -3.31 -2.80 11.63
C PHE B 244 -4.35 -2.15 12.54
N ARG B 245 -4.22 -0.85 12.80
CA ARG B 245 -5.18 -0.17 13.66
C ARG B 245 -6.61 -0.20 13.11
N LEU B 246 -6.74 -0.38 11.79
CA LEU B 246 -8.05 -0.41 11.16
C LEU B 246 -8.46 -1.79 10.65
N LYS B 247 -7.74 -2.82 11.07
CA LYS B 247 -8.03 -4.17 10.63
C LYS B 247 -9.44 -4.61 11.03
N LYS B 248 -9.91 -4.11 12.17
CA LYS B 248 -11.26 -4.45 12.64
C LYS B 248 -12.32 -4.01 11.64
N TRP B 249 -12.13 -2.84 11.03
CA TRP B 249 -13.07 -2.33 10.04
C TRP B 249 -13.01 -3.18 8.77
N ILE B 250 -11.80 -3.57 8.41
CA ILE B 250 -11.62 -4.42 7.24
C ILE B 250 -12.41 -5.70 7.54
N GLN B 251 -12.26 -6.25 8.73
CA GLN B 251 -13.02 -7.47 9.01
C GLN B 251 -14.52 -7.30 8.89
N LYS B 252 -15.06 -6.26 9.54
CA LYS B 252 -16.49 -5.96 9.54
C LYS B 252 -17.02 -5.89 8.11
N VAL B 253 -16.30 -5.17 7.26
CA VAL B 253 -16.71 -5.05 5.87
C VAL B 253 -16.65 -6.38 5.12
N ILE B 254 -15.54 -7.10 5.26
CA ILE B 254 -15.39 -8.38 4.55
C ILE B 254 -16.27 -9.49 5.11
N ASP B 255 -16.30 -9.60 6.43
CA ASP B 255 -17.09 -10.62 7.09
C ASP B 255 -18.55 -10.21 7.13
N GLN B 256 -18.82 -8.92 6.88
CA GLN B 256 -20.19 -8.43 6.86
C GLN B 256 -20.80 -8.94 5.58
N PHE B 257 -20.43 -8.29 4.48
CA PHE B 257 -20.91 -8.65 3.16
C PHE B 257 -20.60 -10.12 2.90
ZN ZN C . -0.14 -19.21 -4.66
N 0G6 D . -0.36 17.78 0.25
CA 0G6 D . -1.61 17.35 0.97
C 0G6 D . -1.89 15.87 0.74
O 0G6 D . -1.03 15.02 0.96
CB 0G6 D . -1.47 17.61 2.47
CG 0G6 D . -2.71 17.25 3.25
CD1 0G6 D . -3.94 17.81 2.93
CD2 0G6 D . -2.64 16.36 4.32
CE1 0G6 D . -5.09 17.49 3.64
CE2 0G6 D . -3.78 16.03 5.04
CZ 0G6 D . -5.01 16.60 4.71
N1 0G6 D . -3.12 15.54 0.29
CA1 0G6 D . -3.49 14.15 0.02
C1 0G6 D . -2.66 13.58 -1.11
O1 0G6 D . -2.33 14.30 -2.05
CB1 0G6 D . -4.97 14.23 -0.38
CG1 0G6 D . -5.44 15.51 0.27
CD 0G6 D . -4.26 16.44 0.06
N2 0G6 D . -2.33 12.29 -1.04
CA2 0G6 D . -1.52 11.65 -2.09
C2 0G6 D . -2.25 10.62 -2.95
O2 0G6 D . -1.97 10.52 -4.17
CB2 0G6 D . -0.30 11.00 -1.45
CG2 0G6 D . 0.68 12.02 -0.94
CD3 0G6 D . 1.94 11.35 -0.42
NE 0G6 D . 3.00 12.33 -0.26
CZ1 0G6 D . 4.19 12.05 0.25
NH1 0G6 D . 4.47 10.82 0.66
NH2 0G6 D . 5.12 13.01 0.35
C3 0G6 D . -3.76 10.98 -2.88
C1 NAG E . -21.05 11.05 -3.36
C2 NAG E . -21.24 11.91 -2.24
C3 NAG E . -22.65 11.58 -1.68
C4 NAG E . -23.67 11.83 -2.82
C5 NAG E . -23.31 10.92 -3.95
C6 NAG E . -24.40 11.40 -5.23
C7 NAG E . -19.91 12.96 -0.41
C8 NAG E . -19.94 14.23 -1.21
N2 NAG E . -20.38 11.72 -1.09
O3 NAG E . -23.09 12.71 -0.51
O4 NAG E . -25.06 11.47 -2.11
O5 NAG E . -21.89 11.33 -4.56
O6 NAG E . -24.33 10.68 -6.30
O7 NAG E . -19.15 12.89 0.67
ZN ZN F . -15.34 22.41 -2.02
ZN ZN G . 16.02 3.83 -15.44
NA NA H . 12.07 13.79 3.76
#